data_6BXD
#
_entry.id   6BXD
#
_cell.length_a   63.033
_cell.length_b   74.731
_cell.length_c   40.840
_cell.angle_alpha   90.00
_cell.angle_beta   90.00
_cell.angle_gamma   90.00
#
_symmetry.space_group_name_H-M   'P 21 21 2'
#
loop_
_entity.id
_entity.type
_entity.pdbx_description
1 polymer 'Variable Lymphocyte Receptor 2'
2 non-polymer 'SULFATE ION'
3 non-polymer 2-{2-[2-2-(METHOXY-ETHOXY)-ETHOXY]-ETHOXY}-ETHANOL
4 water water
#
_entity_poly.entity_id   1
_entity_poly.type   'polypeptide(L)'
_entity_poly.pdbx_seq_one_letter_code
;GGHHHHHHGSENLYFQGACPSQCSCSGTTVDCSGKSLASVPTGIPTTTQVLGLSSNQITKLEPGVFDSLVNLQILVLYQN
QLTTLPAGVFDRLINLKELYFSNNQLTSLPAGVFDKLTQLTRLELQTNQLKSIPRGAFDNLKSLTNIYLFNNPWDCECSD
ILYLKNWIVQHASIVNPDGHGGVDNVKCSGTNTPVRAVTEASTSPSKCP
;
_entity_poly.pdbx_strand_id   A
#
# COMPACT_ATOMS: atom_id res chain seq x y z
N ALA A 18 7.70 -27.56 -2.42
CA ALA A 18 8.49 -27.59 -1.19
C ALA A 18 8.55 -26.21 -0.54
N CYS A 19 8.69 -26.20 0.77
CA CYS A 19 8.77 -24.94 1.52
C CYS A 19 10.15 -24.33 1.33
N PRO A 20 10.24 -23.04 1.04
CA PRO A 20 11.56 -22.40 0.97
C PRO A 20 12.32 -22.58 2.27
N SER A 21 13.64 -22.76 2.15
CA SER A 21 14.44 -23.19 3.29
C SER A 21 14.40 -22.19 4.45
N GLN A 22 14.18 -20.92 4.17
CA GLN A 22 14.19 -19.92 5.22
C GLN A 22 12.82 -19.64 5.82
N CYS A 23 11.78 -20.35 5.40
CA CYS A 23 10.43 -20.05 5.83
C CYS A 23 9.82 -21.24 6.55
N SER A 24 8.64 -21.02 7.11
CA SER A 24 7.82 -22.06 7.73
C SER A 24 6.49 -22.12 7.00
N CYS A 25 6.06 -23.31 6.62
CA CYS A 25 4.87 -23.47 5.81
C CYS A 25 3.78 -24.22 6.56
N SER A 26 2.55 -23.74 6.40
CA SER A 26 1.37 -24.31 7.07
C SER A 26 0.24 -24.28 6.04
N GLY A 27 -0.12 -25.44 5.51
CA GLY A 27 -1.10 -25.47 4.43
C GLY A 27 -0.60 -24.64 3.25
N THR A 28 -1.43 -23.73 2.76
CA THR A 28 -1.06 -22.82 1.69
C THR A 28 -0.55 -21.48 2.21
N THR A 29 -0.16 -21.41 3.48
CA THR A 29 0.47 -20.22 4.06
C THR A 29 1.97 -20.41 4.13
N VAL A 30 2.71 -19.40 3.69
CA VAL A 30 4.17 -19.41 3.72
C VAL A 30 4.60 -18.25 4.61
N ASP A 31 5.16 -18.57 5.78
CA ASP A 31 5.58 -17.57 6.76
C ASP A 31 7.10 -17.40 6.67
N CYS A 32 7.53 -16.36 5.94
CA CYS A 32 8.93 -15.98 5.81
C CYS A 32 9.28 -14.79 6.68
N SER A 33 8.47 -14.50 7.69
CA SER A 33 8.65 -13.28 8.47
C SER A 33 9.80 -13.41 9.47
N GLY A 34 10.44 -12.27 9.74
CA GLY A 34 11.39 -12.21 10.85
C GLY A 34 12.62 -13.06 10.66
N LYS A 35 13.15 -13.12 9.44
CA LYS A 35 14.29 -13.97 9.12
C LYS A 35 15.47 -13.17 8.57
N SER A 36 15.47 -11.86 8.77
CA SER A 36 16.55 -10.98 8.30
C SER A 36 16.74 -11.07 6.79
N LEU A 37 15.66 -11.31 6.04
CA LEU A 37 15.78 -11.52 4.61
C LEU A 37 15.93 -10.20 3.88
N ALA A 38 16.81 -10.20 2.87
CA ALA A 38 16.87 -9.10 1.91
C ALA A 38 16.11 -9.41 0.62
N SER A 39 15.83 -10.67 0.35
CA SER A 39 15.22 -11.08 -0.92
C SER A 39 14.01 -11.96 -0.66
N VAL A 40 13.06 -11.90 -1.58
CA VAL A 40 11.97 -12.88 -1.59
C VAL A 40 12.52 -14.21 -2.08
N PRO A 41 12.23 -15.32 -1.41
CA PRO A 41 12.73 -16.62 -1.88
C PRO A 41 12.20 -16.97 -3.26
N THR A 42 13.02 -17.67 -4.04
CA THR A 42 12.62 -18.18 -5.35
C THR A 42 12.07 -19.58 -5.19
N GLY A 43 10.95 -19.85 -5.86
CA GLY A 43 10.32 -21.15 -5.77
C GLY A 43 9.21 -21.24 -4.74
N ILE A 44 8.63 -20.11 -4.34
CA ILE A 44 7.43 -20.17 -3.49
C ILE A 44 6.35 -20.95 -4.24
N PRO A 45 5.71 -21.93 -3.62
CA PRO A 45 4.73 -22.74 -4.37
C PRO A 45 3.63 -21.88 -4.98
N THR A 46 3.26 -22.22 -6.22
CA THR A 46 2.22 -21.44 -6.90
C THR A 46 0.84 -21.62 -6.27
N THR A 47 0.65 -22.64 -5.43
CA THR A 47 -0.59 -22.81 -4.68
C THR A 47 -0.68 -21.91 -3.45
N THR A 48 0.36 -21.13 -3.17
CA THR A 48 0.37 -20.32 -1.96
C THR A 48 -0.76 -19.30 -1.98
N GLN A 49 -1.50 -19.23 -0.87
CA GLN A 49 -2.58 -18.28 -0.72
C GLN A 49 -2.30 -17.17 0.27
N VAL A 50 -1.32 -17.34 1.16
CA VAL A 50 -0.97 -16.33 2.15
C VAL A 50 0.55 -16.29 2.22
N LEU A 51 1.13 -15.11 2.00
CA LEU A 51 2.58 -14.96 2.01
C LEU A 51 2.96 -13.89 3.03
N GLY A 52 3.66 -14.30 4.07
CA GLY A 52 4.12 -13.40 5.11
C GLY A 52 5.59 -13.09 4.93
N LEU A 53 5.90 -11.83 4.66
CA LEU A 53 7.27 -11.34 4.51
C LEU A 53 7.61 -10.24 5.50
N SER A 54 6.82 -10.11 6.56
CA SER A 54 6.98 -8.97 7.45
C SER A 54 8.27 -9.07 8.26
N SER A 55 8.69 -7.91 8.75
CA SER A 55 9.78 -7.82 9.72
C SER A 55 11.06 -8.43 9.16
N ASN A 56 11.42 -8.01 7.95
CA ASN A 56 12.65 -8.45 7.32
C ASN A 56 13.49 -7.22 6.98
N GLN A 57 14.44 -7.37 6.07
CA GLN A 57 15.34 -6.30 5.66
C GLN A 57 15.21 -6.05 4.16
N ILE A 58 14.00 -6.13 3.65
CA ILE A 58 13.77 -5.94 2.22
C ILE A 58 13.80 -4.46 1.89
N THR A 59 14.75 -4.04 1.06
CA THR A 59 14.86 -2.67 0.63
C THR A 59 14.44 -2.46 -0.82
N LYS A 60 14.36 -3.53 -1.61
CA LYS A 60 14.05 -3.40 -3.03
C LYS A 60 13.43 -4.71 -3.49
N LEU A 61 12.33 -4.62 -4.23
CA LEU A 61 11.73 -5.77 -4.89
C LEU A 61 12.08 -5.73 -6.37
N GLU A 62 12.54 -6.85 -6.92
CA GLU A 62 12.85 -6.88 -8.33
C GLU A 62 11.57 -6.93 -9.16
N PRO A 63 11.61 -6.44 -10.40
CA PRO A 63 10.45 -6.57 -11.27
C PRO A 63 10.02 -8.03 -11.37
N GLY A 64 8.72 -8.26 -11.32
CA GLY A 64 8.15 -9.59 -11.51
C GLY A 64 8.25 -10.52 -10.33
N VAL A 65 8.71 -10.05 -9.17
CA VAL A 65 8.99 -10.91 -8.01
C VAL A 65 7.83 -11.79 -7.58
N PHE A 66 6.59 -11.32 -7.77
CA PHE A 66 5.39 -12.04 -7.33
C PHE A 66 4.57 -12.64 -8.47
N ASP A 67 5.10 -12.66 -9.70
CA ASP A 67 4.25 -12.97 -10.85
C ASP A 67 3.65 -14.37 -10.79
N SER A 68 4.34 -15.32 -10.16
CA SER A 68 3.86 -16.69 -10.09
C SER A 68 2.65 -16.87 -9.17
N LEU A 69 2.40 -15.93 -8.27
CA LEU A 69 1.50 -16.17 -7.13
C LEU A 69 0.05 -15.83 -7.46
N VAL A 70 -0.45 -16.49 -8.50
CA VAL A 70 -1.78 -16.17 -9.03
C VAL A 70 -2.89 -16.52 -8.07
N ASN A 71 -2.65 -17.40 -7.10
CA ASN A 71 -3.64 -17.78 -6.10
C ASN A 71 -3.53 -16.99 -4.80
N LEU A 72 -2.62 -16.03 -4.74
CA LEU A 72 -2.37 -15.32 -3.48
C LEU A 72 -3.57 -14.46 -3.10
N GLN A 73 -3.99 -14.58 -1.84
CA GLN A 73 -5.07 -13.78 -1.27
C GLN A 73 -4.61 -12.77 -0.22
N ILE A 74 -3.52 -13.05 0.49
CA ILE A 74 -3.01 -12.16 1.52
C ILE A 74 -1.52 -11.99 1.31
N LEU A 75 -1.06 -10.75 1.24
CA LEU A 75 0.36 -10.45 1.12
C LEU A 75 0.75 -9.49 2.23
N VAL A 76 1.76 -9.84 3.02
CA VAL A 76 2.16 -9.06 4.19
C VAL A 76 3.60 -8.60 4.02
N LEU A 77 3.78 -7.29 3.85
CA LEU A 77 5.10 -6.68 3.72
C LEU A 77 5.41 -5.70 4.85
N TYR A 78 4.56 -5.65 5.87
CA TYR A 78 4.72 -4.81 7.05
C TYR A 78 6.15 -4.87 7.60
N GLN A 79 6.69 -3.71 7.96
CA GLN A 79 7.97 -3.64 8.67
C GLN A 79 9.12 -4.16 7.79
N ASN A 80 9.26 -3.52 6.63
CA ASN A 80 10.45 -3.64 5.80
C ASN A 80 10.93 -2.23 5.48
N GLN A 81 11.85 -2.08 4.52
CA GLN A 81 12.44 -0.78 4.22
C GLN A 81 12.23 -0.39 2.77
N LEU A 82 11.10 -0.78 2.19
CA LEU A 82 10.85 -0.46 0.79
C LEU A 82 10.60 1.03 0.62
N THR A 83 11.16 1.59 -0.44
CA THR A 83 10.96 3.01 -0.75
C THR A 83 10.17 3.24 -2.04
N THR A 84 10.32 2.37 -3.03
CA THR A 84 9.48 2.41 -4.22
C THR A 84 9.17 0.97 -4.60
N LEU A 85 8.27 0.82 -5.58
CA LEU A 85 7.89 -0.48 -6.10
C LEU A 85 8.12 -0.50 -7.59
N PRO A 86 8.49 -1.65 -8.16
CA PRO A 86 8.59 -1.73 -9.62
C PRO A 86 7.21 -1.71 -10.23
N ALA A 87 7.13 -1.11 -11.42
CA ALA A 87 5.88 -1.09 -12.15
C ALA A 87 5.38 -2.52 -12.37
N GLY A 88 4.08 -2.71 -12.18
CA GLY A 88 3.44 -3.99 -12.44
C GLY A 88 3.59 -5.04 -11.36
N VAL A 89 4.17 -4.67 -10.21
CA VAL A 89 4.54 -5.68 -9.21
C VAL A 89 3.37 -6.53 -8.74
N PHE A 90 2.15 -5.97 -8.71
CA PHE A 90 0.99 -6.72 -8.24
C PHE A 90 0.07 -7.18 -9.37
N ASP A 91 0.48 -7.00 -10.63
CA ASP A 91 -0.47 -7.16 -11.73
C ASP A 91 -1.02 -8.58 -11.84
N ARG A 92 -0.26 -9.60 -11.46
CA ARG A 92 -0.70 -10.98 -11.57
C ARG A 92 -1.48 -11.46 -10.34
N LEU A 93 -1.57 -10.64 -9.30
CA LEU A 93 -2.18 -11.04 -8.04
C LEU A 93 -3.69 -10.79 -8.06
N ILE A 94 -4.34 -11.37 -9.06
CA ILE A 94 -5.74 -11.07 -9.34
C ILE A 94 -6.68 -11.55 -8.24
N ASN A 95 -6.23 -12.47 -7.39
CA ASN A 95 -7.04 -12.98 -6.30
C ASN A 95 -6.78 -12.30 -4.96
N LEU A 96 -5.99 -11.23 -4.94
CA LEU A 96 -5.61 -10.63 -3.67
C LEU A 96 -6.82 -10.00 -2.98
N LYS A 97 -6.97 -10.31 -1.69
CA LYS A 97 -7.98 -9.73 -0.82
C LYS A 97 -7.43 -8.74 0.19
N GLU A 98 -6.19 -8.93 0.65
CA GLU A 98 -5.62 -8.07 1.68
C GLU A 98 -4.16 -7.78 1.38
N LEU A 99 -3.80 -6.51 1.47
CA LEU A 99 -2.44 -6.06 1.25
C LEU A 99 -2.01 -5.27 2.47
N TYR A 100 -1.04 -5.80 3.21
CA TYR A 100 -0.52 -5.20 4.44
C TYR A 100 0.84 -4.61 4.12
N PHE A 101 0.90 -3.30 3.88
N PHE A 101 0.87 -3.30 3.87
CA PHE A 101 2.12 -2.64 3.45
CA PHE A 101 2.06 -2.59 3.43
C PHE A 101 2.54 -1.51 4.39
C PHE A 101 2.38 -1.41 4.34
N SER A 102 2.08 -1.54 5.63
CA SER A 102 2.40 -0.48 6.55
C SER A 102 3.85 -0.56 7.01
N ASN A 103 4.32 0.52 7.61
CA ASN A 103 5.61 0.54 8.27
C ASN A 103 6.74 0.16 7.32
N ASN A 104 6.74 0.77 6.14
CA ASN A 104 7.89 0.77 5.23
C ASN A 104 8.38 2.21 5.11
N GLN A 105 9.05 2.55 4.01
CA GLN A 105 9.50 3.92 3.78
C GLN A 105 9.05 4.40 2.40
N LEU A 106 7.87 3.97 1.96
CA LEU A 106 7.46 4.23 0.59
C LEU A 106 7.30 5.72 0.35
N THR A 107 7.93 6.23 -0.70
CA THR A 107 7.84 7.64 -1.03
C THR A 107 6.87 7.91 -2.16
N SER A 108 6.53 6.91 -2.96
CA SER A 108 5.55 7.05 -4.02
C SER A 108 5.11 5.65 -4.43
N LEU A 109 3.99 5.60 -5.16
CA LEU A 109 3.49 4.37 -5.75
C LEU A 109 3.48 4.51 -7.26
N PRO A 110 3.74 3.43 -7.99
CA PRO A 110 3.66 3.49 -9.45
C PRO A 110 2.23 3.72 -9.91
N ALA A 111 2.08 4.41 -11.04
CA ALA A 111 0.78 4.51 -11.66
C ALA A 111 0.24 3.12 -11.99
N GLY A 112 -1.03 2.91 -11.68
CA GLY A 112 -1.71 1.66 -12.01
C GLY A 112 -1.39 0.49 -11.11
N VAL A 113 -0.69 0.71 -10.00
CA VAL A 113 -0.16 -0.41 -9.23
C VAL A 113 -1.26 -1.30 -8.64
N PHE A 114 -2.45 -0.77 -8.37
CA PHE A 114 -3.54 -1.55 -7.79
C PHE A 114 -4.61 -1.95 -8.81
N ASP A 115 -4.38 -1.71 -10.10
CA ASP A 115 -5.46 -1.78 -11.08
C ASP A 115 -6.07 -3.16 -11.22
N LYS A 116 -5.31 -4.22 -10.91
CA LYS A 116 -5.79 -5.58 -11.10
C LYS A 116 -6.38 -6.20 -9.85
N LEU A 117 -6.44 -5.46 -8.75
CA LEU A 117 -6.80 -6.06 -7.45
C LEU A 117 -8.29 -5.86 -7.14
N THR A 118 -9.14 -6.41 -8.01
CA THR A 118 -10.58 -6.14 -7.91
C THR A 118 -11.22 -6.74 -6.66
N GLN A 119 -10.61 -7.78 -6.06
CA GLN A 119 -11.18 -8.39 -4.87
C GLN A 119 -10.63 -7.80 -3.58
N LEU A 120 -9.80 -6.78 -3.65
CA LEU A 120 -9.14 -6.28 -2.45
C LEU A 120 -10.14 -5.64 -1.50
N THR A 121 -10.15 -6.11 -0.25
CA THR A 121 -11.01 -5.51 0.78
C THR A 121 -10.24 -4.62 1.75
N ARG A 122 -8.96 -4.92 1.97
CA ARG A 122 -8.15 -4.25 2.99
C ARG A 122 -6.84 -3.80 2.36
N LEU A 123 -6.50 -2.52 2.53
CA LEU A 123 -5.29 -1.93 1.99
C LEU A 123 -4.64 -1.10 3.09
N GLU A 124 -3.46 -1.50 3.54
CA GLU A 124 -2.77 -0.83 4.64
C GLU A 124 -1.53 -0.14 4.12
N LEU A 125 -1.54 1.20 4.14
CA LEU A 125 -0.44 2.03 3.68
C LEU A 125 0.05 2.99 4.76
N GLN A 126 -0.40 2.82 6.00
CA GLN A 126 -0.03 3.75 7.05
C GLN A 126 1.45 3.63 7.40
N THR A 127 1.98 4.72 7.95
CA THR A 127 3.35 4.74 8.45
C THR A 127 4.36 4.45 7.34
N ASN A 128 4.28 5.27 6.30
CA ASN A 128 5.22 5.26 5.18
C ASN A 128 5.70 6.69 5.03
N GLN A 129 6.25 7.01 3.84
CA GLN A 129 6.72 8.36 3.54
C GLN A 129 6.00 8.93 2.32
N LEU A 130 4.72 8.56 2.15
CA LEU A 130 4.00 8.93 0.94
C LEU A 130 3.62 10.41 0.96
N LYS A 131 3.77 11.04 -0.20
CA LYS A 131 3.42 12.44 -0.36
C LYS A 131 2.11 12.65 -1.10
N SER A 132 1.72 11.69 -1.95
CA SER A 132 0.47 11.76 -2.71
C SER A 132 0.15 10.36 -3.20
N ILE A 133 -1.02 10.23 -3.81
CA ILE A 133 -1.49 8.99 -4.43
C ILE A 133 -1.73 9.29 -5.91
N PRO A 134 -1.23 8.47 -6.83
CA PRO A 134 -1.43 8.77 -8.26
C PRO A 134 -2.91 8.84 -8.61
N ARG A 135 -3.24 9.75 -9.53
CA ARG A 135 -4.63 9.97 -9.89
C ARG A 135 -5.28 8.68 -10.35
N GLY A 136 -6.45 8.38 -9.79
CA GLY A 136 -7.21 7.21 -10.16
C GLY A 136 -6.70 5.89 -9.60
N ALA A 137 -5.75 5.94 -8.66
CA ALA A 137 -5.10 4.71 -8.18
C ALA A 137 -6.10 3.69 -7.64
N PHE A 138 -7.20 4.15 -7.05
CA PHE A 138 -8.18 3.27 -6.41
C PHE A 138 -9.39 2.98 -7.28
N ASP A 139 -9.35 3.37 -8.56
CA ASP A 139 -10.53 3.28 -9.43
C ASP A 139 -11.14 1.89 -9.46
N ASN A 140 -10.30 0.85 -9.52
CA ASN A 140 -10.79 -0.51 -9.74
C ASN A 140 -11.03 -1.28 -8.45
N LEU A 141 -10.83 -0.65 -7.29
CA LEU A 141 -10.94 -1.32 -6.01
C LEU A 141 -12.39 -1.30 -5.49
N LYS A 142 -13.27 -1.96 -6.23
CA LYS A 142 -14.70 -1.86 -5.91
C LYS A 142 -15.15 -2.80 -4.78
N SER A 143 -14.23 -3.54 -4.17
CA SER A 143 -14.52 -4.34 -2.97
C SER A 143 -13.93 -3.74 -1.71
N LEU A 144 -13.25 -2.59 -1.82
CA LEU A 144 -12.45 -2.08 -0.71
C LEU A 144 -13.34 -1.57 0.42
N THR A 145 -13.20 -2.16 1.62
CA THR A 145 -13.99 -1.75 2.77
C THR A 145 -13.16 -1.04 3.83
N ASN A 146 -11.84 -1.15 3.78
CA ASN A 146 -11.03 -0.47 4.79
C ASN A 146 -9.64 -0.16 4.24
N ILE A 147 -9.27 1.12 4.31
CA ILE A 147 -7.97 1.60 3.87
C ILE A 147 -7.35 2.42 4.99
N TYR A 148 -6.03 2.32 5.14
CA TYR A 148 -5.32 3.04 6.20
C TYR A 148 -4.24 3.89 5.58
N LEU A 149 -4.26 5.18 5.92
CA LEU A 149 -3.46 6.19 5.27
C LEU A 149 -2.76 7.12 6.25
N PHE A 150 -2.95 6.91 7.54
CA PHE A 150 -2.40 7.80 8.57
C PHE A 150 -0.88 7.65 8.66
N ASN A 151 -0.25 8.61 9.35
CA ASN A 151 1.21 8.59 9.53
C ASN A 151 1.96 8.58 8.20
N ASN A 152 1.52 9.41 7.27
CA ASN A 152 2.29 9.72 6.07
C ASN A 152 2.40 11.23 5.93
N PRO A 153 3.52 11.72 5.40
CA PRO A 153 3.75 13.18 5.26
C PRO A 153 3.13 13.71 3.97
N TRP A 154 1.80 13.67 3.91
CA TRP A 154 1.08 14.10 2.71
C TRP A 154 1.45 15.53 2.36
N ASP A 155 1.79 15.77 1.08
CA ASP A 155 2.27 17.08 0.65
C ASP A 155 1.09 17.88 0.13
N CYS A 156 0.49 18.67 1.02
CA CYS A 156 -0.73 19.39 0.65
C CYS A 156 -0.48 20.67 -0.14
N GLU A 157 0.78 21.10 -0.27
CA GLU A 157 1.06 22.24 -1.14
C GLU A 157 1.07 21.87 -2.61
N CYS A 158 1.18 20.58 -2.93
CA CYS A 158 1.32 20.11 -4.30
C CYS A 158 -0.06 19.68 -4.82
N SER A 159 -0.38 20.10 -6.05
CA SER A 159 -1.69 19.78 -6.62
CA SER A 159 -1.68 19.77 -6.63
C SER A 159 -1.89 18.28 -6.81
N ASP A 160 -0.82 17.48 -6.77
CA ASP A 160 -0.99 16.03 -6.85
C ASP A 160 -1.82 15.48 -5.70
N ILE A 161 -1.99 16.22 -4.61
CA ILE A 161 -2.78 15.75 -3.47
C ILE A 161 -4.26 15.72 -3.76
N LEU A 162 -4.73 16.36 -4.84
CA LEU A 162 -6.16 16.57 -5.02
C LEU A 162 -6.93 15.26 -5.23
N TYR A 163 -6.34 14.27 -5.91
CA TYR A 163 -7.04 13.00 -6.05
C TYR A 163 -7.29 12.37 -4.68
N LEU A 164 -6.26 12.29 -3.85
CA LEU A 164 -6.44 11.72 -2.51
C LEU A 164 -7.49 12.49 -1.73
N LYS A 165 -7.43 13.82 -1.75
CA LYS A 165 -8.44 14.60 -1.04
CA LYS A 165 -8.44 14.62 -1.06
C LYS A 165 -9.84 14.27 -1.55
N ASN A 166 -10.05 14.31 -2.86
CA ASN A 166 -11.37 14.00 -3.39
C ASN A 166 -11.81 12.59 -3.02
N TRP A 167 -10.89 11.63 -3.08
CA TRP A 167 -11.25 10.25 -2.86
C TRP A 167 -11.60 9.98 -1.39
N ILE A 168 -10.82 10.54 -0.46
CA ILE A 168 -11.12 10.31 0.96
C ILE A 168 -12.38 11.05 1.38
N VAL A 169 -12.65 12.22 0.81
CA VAL A 169 -13.90 12.91 1.08
C VAL A 169 -15.06 12.07 0.59
N GLN A 170 -14.94 11.53 -0.63
CA GLN A 170 -16.01 10.74 -1.22
C GLN A 170 -16.31 9.50 -0.38
N HIS A 171 -15.27 8.80 0.05
CA HIS A 171 -15.36 7.48 0.68
C HIS A 171 -15.03 7.52 2.17
N ALA A 172 -15.46 8.57 2.87
CA ALA A 172 -14.94 8.84 4.21
C ALA A 172 -15.13 7.66 5.19
N SER A 173 -16.22 6.92 5.07
CA SER A 173 -16.47 5.85 6.05
C SER A 173 -15.46 4.71 5.98
N ILE A 174 -14.76 4.54 4.86
CA ILE A 174 -13.83 3.42 4.78
CA ILE A 174 -13.80 3.45 4.63
C ILE A 174 -12.40 3.79 5.11
N VAL A 175 -12.14 5.06 5.45
CA VAL A 175 -10.80 5.56 5.70
C VAL A 175 -10.48 5.49 7.19
N ASN A 176 -9.36 4.84 7.54
CA ASN A 176 -8.88 4.73 8.91
C ASN A 176 -9.94 4.28 9.92
N PRO A 177 -10.69 3.19 9.63
CA PRO A 177 -11.67 2.71 10.60
C PRO A 177 -11.02 1.95 11.75
N ASP A 178 -11.85 1.36 12.60
CA ASP A 178 -11.39 0.48 13.68
C ASP A 178 -10.41 1.19 14.61
N GLY A 179 -10.74 2.42 14.96
CA GLY A 179 -10.01 3.17 15.97
C GLY A 179 -8.83 3.97 15.48
N HIS A 180 -8.68 4.15 14.17
CA HIS A 180 -7.51 4.84 13.62
C HIS A 180 -7.80 6.27 13.22
N GLY A 181 -8.87 6.86 13.73
CA GLY A 181 -9.10 8.28 13.63
C GLY A 181 -9.92 8.73 12.44
N GLY A 182 -10.32 7.80 11.57
CA GLY A 182 -11.16 8.15 10.47
C GLY A 182 -10.50 9.08 9.47
N VAL A 183 -11.36 9.72 8.67
CA VAL A 183 -10.89 10.54 7.56
C VAL A 183 -10.06 11.72 8.05
N ASP A 184 -10.32 12.21 9.26
CA ASP A 184 -9.57 13.34 9.79
C ASP A 184 -8.12 13.01 10.10
N ASN A 185 -7.78 11.72 10.23
CA ASN A 185 -6.40 11.31 10.52
C ASN A 185 -5.58 11.07 9.26
N VAL A 186 -5.93 11.74 8.17
CA VAL A 186 -5.07 11.87 6.99
C VAL A 186 -4.63 13.32 7.03
N LYS A 187 -3.37 13.58 7.39
CA LYS A 187 -2.93 14.90 7.81
CA LYS A 187 -2.96 14.92 7.77
C LYS A 187 -1.87 15.47 6.86
N CYS A 188 -1.95 16.77 6.61
CA CYS A 188 -0.96 17.48 5.80
C CYS A 188 0.35 17.58 6.57
N SER A 189 1.46 17.29 5.89
CA SER A 189 2.76 17.42 6.49
C SER A 189 3.03 18.88 6.87
N GLY A 190 3.58 19.09 8.06
CA GLY A 190 3.97 20.42 8.49
C GLY A 190 2.84 21.20 9.14
N THR A 191 1.77 21.44 8.38
CA THR A 191 0.65 22.19 8.93
C THR A 191 -0.23 21.33 9.84
N ASN A 192 -0.24 20.02 9.62
CA ASN A 192 -1.01 19.07 10.43
C ASN A 192 -2.52 19.26 10.29
N THR A 193 -2.97 19.98 9.27
CA THR A 193 -4.39 20.10 8.99
C THR A 193 -4.88 18.91 8.19
N PRO A 194 -6.19 18.66 8.13
CA PRO A 194 -6.68 17.48 7.41
C PRO A 194 -6.53 17.63 5.91
N VAL A 195 -6.07 16.56 5.26
CA VAL A 195 -6.02 16.51 3.81
C VAL A 195 -7.41 16.75 3.21
N ARG A 196 -8.46 16.29 3.89
CA ARG A 196 -9.81 16.43 3.35
C ARG A 196 -10.21 17.88 3.19
N ALA A 197 -9.56 18.82 3.88
CA ALA A 197 -9.91 20.23 3.82
C ALA A 197 -9.11 21.01 2.79
N VAL A 198 -8.17 20.38 2.09
CA VAL A 198 -7.33 21.09 1.13
C VAL A 198 -8.19 21.68 0.03
N THR A 199 -7.95 22.95 -0.30
CA THR A 199 -8.65 23.57 -1.43
C THR A 199 -7.75 23.52 -2.66
N GLU A 200 -8.39 23.44 -3.83
CA GLU A 200 -7.63 23.47 -5.08
C GLU A 200 -6.76 24.71 -5.16
N ALA A 201 -7.31 25.87 -4.80
CA ALA A 201 -6.57 27.12 -4.91
C ALA A 201 -5.35 27.17 -4.00
N SER A 202 -5.34 26.40 -2.91
CA SER A 202 -4.20 26.43 -2.00
C SER A 202 -3.05 25.55 -2.47
N THR A 203 -3.24 24.75 -3.52
CA THR A 203 -2.20 23.89 -4.05
C THR A 203 -1.59 24.53 -5.29
N SER A 204 -0.45 23.99 -5.70
CA SER A 204 0.22 24.44 -6.91
C SER A 204 0.88 23.25 -7.58
N PRO A 205 0.77 23.15 -8.91
CA PRO A 205 1.51 22.10 -9.63
C PRO A 205 3.01 22.35 -9.64
N SER A 206 3.48 23.55 -9.31
CA SER A 206 4.89 23.84 -9.28
C SER A 206 5.53 23.56 -7.92
N LYS A 207 4.73 23.44 -6.87
CA LYS A 207 5.26 23.14 -5.54
C LYS A 207 5.30 21.63 -5.34
N CYS A 208 5.62 20.89 -6.40
CA CYS A 208 5.61 19.44 -6.37
C CYS A 208 7.02 18.91 -6.52
N PRO A 209 7.53 18.13 -5.56
CA PRO A 209 8.88 17.57 -5.60
C PRO A 209 9.02 16.48 -6.66
#